data_7M41
#
_entry.id   7M41
#
_cell.length_a   85.215
_cell.length_b   46.828
_cell.length_c   53.905
_cell.angle_alpha   90.000
_cell.angle_beta   93.050
_cell.angle_gamma   90.000
#
_symmetry.space_group_name_H-M   'C 1 2 1'
#
loop_
_entity.id
_entity.type
_entity.pdbx_description
1 polymer 'Hepatitis A virus cellular receptor 2'
2 non-polymer N-{4-[(4S,10aP)-8-chloro-2-methyl-5-oxo-5,6-dihydro[1,2,4]triazolo[1,5-c]quinazolin-9-yl]-3-methylphenyl}-1H-imidazole-2-sulfonamide
3 non-polymer 'CALCIUM ION'
4 water water
#
_entity_poly.entity_id   1
_entity_poly.type   'polypeptide(L)'
_entity_poly.pdbx_seq_one_letter_code
;SEVEYRAEVGQNAYLPCFYTPAAPGNLVPVCWGKGACPVFECGNVVLRTDERDVNYWTSRYWLNGDFRKGDVSLTIENVT
LADSGIYCCRIQIPGIMNDEKFNLKLVIK
;
_entity_poly.pdbx_strand_id   A,B
#
loop_
_chem_comp.id
_chem_comp.type
_chem_comp.name
_chem_comp.formula
CA non-polymer 'CALCIUM ION' 'Ca 2'
YQG non-polymer N-{4-[(4S,10aP)-8-chloro-2-methyl-5-oxo-5,6-dihydro[1,2,4]triazolo[1,5-c]quinazolin-9-yl]-3-methylphenyl}-1H-imidazole-2-sulfonamide 'C20 H16 Cl N7 O3 S'
#
# COMPACT_ATOMS: atom_id res chain seq x y z
N SER A 1 -11.40 -13.48 -7.13
CA SER A 1 -10.47 -12.86 -6.19
C SER A 1 -10.11 -11.46 -6.66
N GLU A 2 -9.96 -10.51 -5.74
CA GLU A 2 -9.33 -9.24 -6.08
C GLU A 2 -8.75 -8.63 -4.81
N VAL A 3 -7.89 -7.62 -5.00
CA VAL A 3 -7.13 -7.03 -3.90
C VAL A 3 -8.07 -6.62 -2.79
N GLU A 4 -7.78 -7.06 -1.57
CA GLU A 4 -8.53 -6.64 -0.41
C GLU A 4 -7.62 -6.68 0.80
N TYR A 5 -8.06 -5.98 1.83
CA TYR A 5 -7.39 -5.91 3.12
C TYR A 5 -8.35 -6.46 4.15
N ARG A 6 -7.83 -7.18 5.13
CA ARG A 6 -8.67 -8.03 5.96
C ARG A 6 -8.43 -7.77 7.44
N ALA A 7 -9.49 -7.91 8.24
CA ALA A 7 -9.39 -7.83 9.69
C ALA A 7 -10.50 -8.65 10.32
N GLU A 8 -10.25 -9.12 11.54
CA GLU A 8 -11.32 -9.67 12.36
C GLU A 8 -11.86 -8.61 13.31
N VAL A 9 -13.14 -8.74 13.67
CA VAL A 9 -13.76 -7.77 14.58
C VAL A 9 -12.89 -7.61 15.82
N GLY A 10 -12.57 -6.36 16.17
CA GLY A 10 -11.76 -6.05 17.32
C GLY A 10 -10.31 -5.72 16.99
N GLN A 11 -9.81 -6.16 15.84
CA GLN A 11 -8.45 -5.86 15.41
C GLN A 11 -8.37 -4.44 14.85
N ASN A 12 -7.14 -3.98 14.60
CA ASN A 12 -6.98 -2.80 13.76
C ASN A 12 -6.94 -3.21 12.29
N ALA A 13 -7.45 -2.34 11.44
CA ALA A 13 -7.37 -2.53 10.00
C ALA A 13 -6.33 -1.59 9.43
N TYR A 14 -5.62 -2.04 8.39
CA TYR A 14 -4.54 -1.26 7.78
C TYR A 14 -4.76 -1.14 6.28
N LEU A 15 -5.06 0.08 5.82
CA LEU A 15 -5.29 0.35 4.41
C LEU A 15 -4.17 1.22 3.86
N PRO A 16 -3.44 0.72 2.87
CA PRO A 16 -2.25 1.44 2.39
C PRO A 16 -2.59 2.58 1.46
N CYS A 17 -1.78 3.63 1.52
CA CYS A 17 -1.86 4.75 0.60
C CYS A 17 -0.56 5.55 0.65
N PHE A 18 0.00 5.84 -0.52
CA PHE A 18 1.30 6.49 -0.62
C PHE A 18 1.34 7.51 -1.74
N TYR A 19 2.14 8.55 -1.54
CA TYR A 19 2.55 9.41 -2.64
C TYR A 19 3.98 9.84 -2.36
N THR A 20 4.56 10.54 -3.32
CA THR A 20 5.95 10.98 -3.25
C THR A 20 5.99 12.50 -3.29
N PRO A 21 6.29 13.18 -2.17
CA PRO A 21 6.40 14.64 -2.20
C PRO A 21 7.35 15.10 -3.31
N ALA A 22 6.92 16.14 -4.05
CA ALA A 22 7.72 16.65 -5.16
C ALA A 22 9.10 17.09 -4.70
N ALA A 23 9.20 17.52 -3.45
CA ALA A 23 10.45 17.84 -2.79
C ALA A 23 10.24 17.62 -1.30
N PRO A 24 11.30 17.42 -0.54
CA PRO A 24 11.14 17.19 0.90
C PRO A 24 10.33 18.29 1.58
N GLY A 25 9.40 17.87 2.44
CA GLY A 25 8.53 18.80 3.13
C GLY A 25 7.44 19.40 2.27
N ASN A 26 7.46 19.16 0.96
CA ASN A 26 6.40 19.62 0.06
C ASN A 26 5.25 18.64 0.09
N LEU A 27 4.33 18.85 1.02
CA LEU A 27 3.20 17.94 1.19
C LEU A 27 2.01 18.40 0.37
N VAL A 28 1.18 17.44 -0.02
CA VAL A 28 -0.05 17.79 -0.73
C VAL A 28 -1.23 17.27 0.09
N PRO A 29 -2.38 17.93 0.02
CA PRO A 29 -3.51 17.51 0.85
C PRO A 29 -4.00 16.11 0.46
N VAL A 30 -4.43 15.36 1.48
CA VAL A 30 -4.94 14.00 1.31
C VAL A 30 -6.32 13.91 1.95
N CYS A 31 -7.22 13.18 1.28
CA CYS A 31 -8.62 12.98 1.68
C CYS A 31 -8.83 11.48 1.84
N TRP A 32 -9.17 11.02 3.04
CA TRP A 32 -9.65 9.66 3.28
C TRP A 32 -11.15 9.67 3.59
N GLY A 33 -11.90 8.78 2.95
CA GLY A 33 -13.30 8.65 3.30
C GLY A 33 -13.79 7.24 3.08
N LYS A 34 -14.98 6.97 3.59
CA LYS A 34 -15.65 5.71 3.37
C LYS A 34 -16.58 5.82 2.17
N GLY A 35 -16.45 4.89 1.25
CA GLY A 35 -17.10 4.94 -0.04
C GLY A 35 -16.09 5.15 -1.17
N ALA A 36 -16.49 4.74 -2.37
CA ALA A 36 -15.60 4.79 -3.52
C ALA A 36 -15.26 6.24 -3.87
N CYS A 37 -14.08 6.43 -4.47
CA CYS A 37 -13.65 7.78 -4.83
C CYS A 37 -14.60 8.52 -5.78
N PRO A 38 -15.39 7.87 -6.65
CA PRO A 38 -16.37 8.64 -7.43
C PRO A 38 -17.40 9.37 -6.59
N VAL A 39 -17.45 9.12 -5.27
CA VAL A 39 -18.43 9.75 -4.40
C VAL A 39 -17.83 11.03 -3.82
N PHE A 40 -18.50 12.16 -4.09
CA PHE A 40 -18.04 13.48 -3.65
C PHE A 40 -16.56 13.68 -3.94
N GLU A 41 -15.77 13.96 -2.90
CA GLU A 41 -14.32 14.12 -3.00
C GLU A 41 -13.58 12.83 -2.72
N CYS A 42 -13.86 12.20 -1.57
CA CYS A 42 -13.27 10.92 -1.24
C CYS A 42 -14.26 10.11 -0.41
N GLY A 43 -15.54 10.21 -0.74
CA GLY A 43 -16.56 9.53 0.03
C GLY A 43 -16.99 10.33 1.25
N ASN A 44 -17.38 9.60 2.29
CA ASN A 44 -17.81 10.16 3.56
C ASN A 44 -16.57 10.38 4.41
N VAL A 45 -16.15 11.64 4.56
CA VAL A 45 -14.78 11.90 5.00
C VAL A 45 -14.55 11.37 6.41
N VAL A 46 -13.41 10.71 6.60
CA VAL A 46 -12.98 10.30 7.93
C VAL A 46 -11.69 10.99 8.37
N LEU A 47 -10.87 11.49 7.46
CA LEU A 47 -9.56 12.04 7.83
C LEU A 47 -9.02 12.88 6.68
N ARG A 48 -8.42 14.03 7.00
CA ARG A 48 -7.84 14.90 5.99
C ARG A 48 -6.52 15.50 6.49
N THR A 49 -5.61 15.74 5.56
CA THR A 49 -4.39 16.49 5.80
C THR A 49 -4.36 17.67 4.84
N ASP A 50 -3.53 18.65 5.17
CA ASP A 50 -3.25 19.70 4.20
C ASP A 50 -1.75 19.76 3.97
N GLU A 51 -1.25 20.89 3.46
CA GLU A 51 0.17 21.00 3.18
C GLU A 51 1.03 21.03 4.44
N ARG A 52 0.42 21.25 5.61
CA ARG A 52 1.15 21.39 6.86
C ARG A 52 0.94 20.22 7.82
N ASP A 53 -0.28 19.73 7.98
CA ASP A 53 -0.55 18.76 9.03
C ASP A 53 -1.88 18.07 8.76
N VAL A 54 -2.18 17.08 9.61
CA VAL A 54 -3.55 16.58 9.71
C VAL A 54 -4.43 17.72 10.18
N ASN A 55 -5.53 17.98 9.46
CA ASN A 55 -6.47 19.01 9.88
C ASN A 55 -7.84 18.47 10.23
N TYR A 56 -8.08 17.17 10.06
CA TYR A 56 -9.39 16.61 10.37
C TYR A 56 -9.23 15.12 10.63
N TRP A 57 -9.87 14.63 11.68
CA TRP A 57 -9.92 13.21 11.90
C TRP A 57 -11.21 12.85 12.62
N THR A 58 -11.56 11.57 12.54
CA THR A 58 -12.68 10.98 13.22
C THR A 58 -12.16 9.95 14.20
N SER A 59 -12.81 9.81 15.35
CA SER A 59 -12.40 8.84 16.34
CA SER A 59 -12.38 8.84 16.34
C SER A 59 -12.20 7.47 15.68
N ARG A 60 -11.08 6.83 16.00
CA ARG A 60 -10.63 5.49 15.59
C ARG A 60 -9.83 5.48 14.28
N TYR A 61 -9.78 6.58 13.54
CA TYR A 61 -9.03 6.64 12.28
C TYR A 61 -7.73 7.41 12.51
N TRP A 62 -6.63 6.86 11.99
CA TRP A 62 -5.28 7.37 12.27
C TRP A 62 -4.40 7.32 11.03
N LEU A 63 -3.50 8.30 10.92
CA LEU A 63 -2.33 8.21 10.05
C LEU A 63 -1.14 8.02 10.98
N ASN A 64 -0.73 6.77 11.18
CA ASN A 64 0.35 6.51 12.13
C ASN A 64 1.70 6.33 11.44
N GLY A 65 1.72 6.33 10.11
CA GLY A 65 2.95 6.29 9.35
C GLY A 65 3.56 7.67 9.15
N ASP A 66 4.65 7.69 8.39
CA ASP A 66 5.41 8.93 8.17
C ASP A 66 4.76 9.70 7.02
N PHE A 67 3.65 10.37 7.35
CA PHE A 67 2.89 11.06 6.31
C PHE A 67 3.62 12.28 5.75
N ARG A 68 4.62 12.81 6.48
CA ARG A 68 5.43 13.88 5.93
C ARG A 68 6.43 13.39 4.88
N LYS A 69 6.59 12.07 4.73
CA LYS A 69 7.32 11.51 3.61
C LYS A 69 6.42 10.77 2.63
N GLY A 70 5.11 10.97 2.73
CA GLY A 70 4.17 10.43 1.79
C GLY A 70 3.52 9.12 2.17
N ASP A 71 3.76 8.60 3.38
CA ASP A 71 3.03 7.40 3.81
C ASP A 71 1.74 7.86 4.48
N VAL A 72 0.67 7.88 3.70
CA VAL A 72 -0.62 8.30 4.24
C VAL A 72 -1.53 7.09 4.40
N SER A 73 -0.95 5.96 4.79
CA SER A 73 -1.74 4.77 5.07
C SER A 73 -2.61 4.99 6.30
N LEU A 74 -3.79 4.38 6.28
CA LEU A 74 -4.80 4.55 7.31
C LEU A 74 -4.80 3.37 8.26
N THR A 75 -4.93 3.65 9.55
CA THR A 75 -5.24 2.65 10.58
C THR A 75 -6.64 2.91 11.12
N ILE A 76 -7.46 1.86 11.21
CA ILE A 76 -8.76 1.95 11.85
C ILE A 76 -8.70 1.07 13.08
N GLU A 77 -8.89 1.65 14.28
CA GLU A 77 -8.76 0.80 15.44
C GLU A 77 -10.09 0.14 15.78
N ASN A 78 -9.99 -1.06 16.36
CA ASN A 78 -11.13 -1.73 16.99
C ASN A 78 -12.30 -1.84 16.02
N VAL A 79 -12.05 -2.47 14.87
CA VAL A 79 -13.02 -2.49 13.79
C VAL A 79 -14.25 -3.30 14.18
N THR A 80 -15.37 -2.96 13.56
CA THR A 80 -16.59 -3.75 13.63
C THR A 80 -16.99 -4.14 12.21
N LEU A 81 -17.96 -5.05 12.11
CA LEU A 81 -18.45 -5.45 10.79
C LEU A 81 -18.92 -4.26 9.97
N ALA A 82 -19.38 -3.20 10.63
CA ALA A 82 -19.85 -2.00 9.95
C ALA A 82 -18.73 -1.23 9.27
N ASP A 83 -17.47 -1.51 9.62
CA ASP A 83 -16.35 -0.85 8.97
C ASP A 83 -15.99 -1.47 7.62
N SER A 84 -16.57 -2.61 7.28
CA SER A 84 -16.34 -3.23 5.97
CA SER A 84 -16.31 -3.21 5.98
C SER A 84 -16.76 -2.28 4.85
N GLY A 85 -16.08 -2.36 3.72
CA GLY A 85 -16.50 -1.61 2.56
C GLY A 85 -15.36 -1.00 1.77
N ILE A 86 -15.66 -0.25 0.72
CA ILE A 86 -14.65 0.46 -0.06
C ILE A 86 -14.30 1.77 0.66
N TYR A 87 -13.00 2.08 0.69
CA TYR A 87 -12.51 3.35 1.21
C TYR A 87 -11.76 4.06 0.10
N CYS A 88 -11.81 5.39 0.12
CA CYS A 88 -11.12 6.21 -0.86
C CYS A 88 -9.98 6.97 -0.18
N CYS A 89 -8.78 6.85 -0.73
CA CYS A 89 -7.65 7.70 -0.39
C CYS A 89 -7.36 8.55 -1.61
N ARG A 90 -7.49 9.87 -1.47
CA ARG A 90 -7.34 10.76 -2.62
C ARG A 90 -6.17 11.70 -2.36
N ILE A 91 -5.20 11.68 -3.27
CA ILE A 91 -4.05 12.57 -3.22
C ILE A 91 -4.41 13.81 -4.03
N GLN A 92 -4.62 14.94 -3.34
CA GLN A 92 -5.15 16.14 -3.99
C GLN A 92 -4.00 16.98 -4.52
N ILE A 93 -3.48 16.54 -5.67
CA ILE A 93 -2.41 17.24 -6.40
C ILE A 93 -2.89 18.61 -6.84
N PRO A 94 -2.29 19.69 -6.35
CA PRO A 94 -2.64 21.01 -6.88
C PRO A 94 -2.15 21.19 -8.30
N GLY A 95 -2.86 22.02 -9.06
CA GLY A 95 -2.42 22.44 -10.37
C GLY A 95 -3.12 21.81 -11.56
N ILE A 96 -4.13 20.95 -11.34
CA ILE A 96 -4.89 20.36 -12.44
C ILE A 96 -6.04 19.52 -11.88
N MET A 97 -6.58 18.63 -12.71
CA MET A 97 -7.56 17.62 -12.28
C MET A 97 -6.89 16.31 -11.90
N ASN A 98 -5.57 16.24 -12.02
CA ASN A 98 -4.77 15.03 -11.92
C ASN A 98 -4.62 14.46 -10.50
N ASP A 99 -5.70 14.38 -9.75
CA ASP A 99 -5.62 13.75 -8.43
C ASP A 99 -5.34 12.26 -8.57
N GLU A 100 -4.67 11.69 -7.57
CA GLU A 100 -4.47 10.25 -7.49
C GLU A 100 -5.58 9.68 -6.64
N LYS A 101 -6.32 8.71 -7.18
CA LYS A 101 -7.49 8.13 -6.52
C LYS A 101 -7.18 6.67 -6.22
N PHE A 102 -7.25 6.27 -4.96
CA PHE A 102 -7.05 4.88 -4.59
C PHE A 102 -8.29 4.35 -3.89
N ASN A 103 -8.80 3.22 -4.36
CA ASN A 103 -9.95 2.58 -3.74
C ASN A 103 -9.48 1.32 -3.07
N LEU A 104 -9.75 1.20 -1.76
CA LEU A 104 -9.27 0.10 -0.94
C LEU A 104 -10.47 -0.64 -0.35
N LYS A 105 -10.49 -1.94 -0.54
CA LYS A 105 -11.58 -2.79 -0.08
C LYS A 105 -11.20 -3.43 1.26
N LEU A 106 -11.96 -3.13 2.30
CA LEU A 106 -11.74 -3.69 3.63
C LEU A 106 -12.80 -4.74 3.93
N VAL A 107 -12.38 -5.96 4.22
CA VAL A 107 -13.27 -7.09 4.54
C VAL A 107 -13.07 -7.43 6.01
N ILE A 108 -14.15 -7.36 6.78
CA ILE A 108 -14.14 -7.63 8.22
C ILE A 108 -14.96 -8.88 8.46
N LYS A 109 -14.42 -9.82 9.25
CA LYS A 109 -15.20 -11.00 9.66
C LYS A 109 -15.19 -11.23 11.17
N SER B 1 -1.08 -3.06 18.01
CA SER B 1 -0.03 -3.86 17.39
C SER B 1 0.73 -3.03 16.36
N GLU B 2 0.74 -3.48 15.10
CA GLU B 2 1.40 -2.73 14.03
C GLU B 2 0.90 -3.22 12.69
N VAL B 3 1.29 -2.49 11.63
CA VAL B 3 0.73 -2.73 10.31
C VAL B 3 1.02 -4.14 9.87
N GLU B 4 -0.02 -4.83 9.42
CA GLU B 4 0.14 -6.17 8.87
C GLU B 4 -0.93 -6.40 7.82
N TYR B 5 -0.67 -7.40 6.98
CA TYR B 5 -1.55 -7.82 5.90
C TYR B 5 -1.93 -9.26 6.20
N ARG B 6 -3.20 -9.61 6.00
CA ARG B 6 -3.71 -10.85 6.54
C ARG B 6 -4.33 -11.71 5.46
N ALA B 7 -4.22 -13.03 5.63
CA ALA B 7 -4.91 -13.97 4.75
C ALA B 7 -5.17 -15.27 5.51
N GLU B 8 -6.23 -15.96 5.11
CA GLU B 8 -6.44 -17.33 5.58
C GLU B 8 -5.84 -18.31 4.58
N VAL B 9 -5.44 -19.49 5.08
CA VAL B 9 -4.82 -20.48 4.20
C VAL B 9 -5.72 -20.74 3.01
N GLY B 10 -5.13 -20.74 1.82
CA GLY B 10 -5.88 -20.95 0.60
C GLY B 10 -6.33 -19.69 -0.11
N GLN B 11 -6.37 -18.55 0.59
CA GLN B 11 -6.70 -17.28 -0.01
C GLN B 11 -5.48 -16.73 -0.76
N ASN B 12 -5.72 -15.70 -1.58
CA ASN B 12 -4.59 -14.93 -2.08
C ASN B 12 -4.20 -13.88 -1.04
N ALA B 13 -2.92 -13.54 -0.99
CA ALA B 13 -2.43 -12.49 -0.12
C ALA B 13 -2.09 -11.29 -0.99
N TYR B 14 -2.36 -10.07 -0.47
CA TYR B 14 -2.12 -8.83 -1.20
C TYR B 14 -1.23 -7.89 -0.37
N LEU B 15 0.00 -7.68 -0.85
CA LEU B 15 1.00 -6.83 -0.17
C LEU B 15 1.24 -5.58 -1.00
N PRO B 16 0.94 -4.40 -0.47
CA PRO B 16 1.02 -3.18 -1.28
C PRO B 16 2.45 -2.66 -1.41
N CYS B 17 2.74 -2.10 -2.58
CA CYS B 17 4.01 -1.43 -2.80
C CYS B 17 3.86 -0.49 -4.00
N PHE B 18 4.29 0.75 -3.84
CA PHE B 18 4.09 1.79 -4.84
C PHE B 18 5.32 2.67 -4.97
N TYR B 19 5.56 3.15 -6.20
CA TYR B 19 6.49 4.25 -6.42
C TYR B 19 5.93 5.14 -7.53
N THR B 20 6.51 6.33 -7.66
CA THR B 20 6.08 7.27 -8.70
C THR B 20 7.19 7.43 -9.72
N PRO B 21 7.01 6.96 -10.96
CA PRO B 21 8.06 7.14 -11.96
C PRO B 21 8.40 8.63 -12.10
N ALA B 22 9.69 8.90 -12.33
CA ALA B 22 10.11 10.30 -12.43
C ALA B 22 9.43 11.00 -13.59
N ALA B 23 9.01 10.24 -14.59
CA ALA B 23 8.22 10.71 -15.71
C ALA B 23 7.49 9.50 -16.25
N PRO B 24 6.29 9.66 -16.80
CA PRO B 24 5.57 8.50 -17.36
C PRO B 24 6.43 7.75 -18.35
N GLY B 25 6.44 6.42 -18.22
CA GLY B 25 7.28 5.58 -19.03
C GLY B 25 8.64 5.29 -18.44
N ASN B 26 9.12 6.12 -17.53
CA ASN B 26 10.46 5.97 -16.97
C ASN B 26 10.38 5.07 -15.74
N LEU B 27 10.46 3.77 -15.95
CA LEU B 27 10.33 2.84 -14.85
C LEU B 27 11.69 2.58 -14.20
N VAL B 28 11.65 2.15 -12.94
CA VAL B 28 12.89 1.76 -12.28
C VAL B 28 12.76 0.31 -11.83
N PRO B 29 13.87 -0.42 -11.68
CA PRO B 29 13.77 -1.84 -11.33
C PRO B 29 13.22 -2.02 -9.93
N VAL B 30 12.45 -3.07 -9.74
CA VAL B 30 11.87 -3.40 -8.44
C VAL B 30 12.21 -4.84 -8.09
N CYS B 31 12.50 -5.08 -6.80
CA CYS B 31 12.93 -6.35 -6.24
C CYS B 31 11.90 -6.72 -5.17
N TRP B 32 11.24 -7.86 -5.31
CA TRP B 32 10.44 -8.46 -4.24
C TRP B 32 11.14 -9.72 -3.73
N GLY B 33 11.19 -9.87 -2.40
CA GLY B 33 11.69 -11.10 -1.84
C GLY B 33 11.11 -11.34 -0.46
N LYS B 34 11.32 -12.56 0.04
CA LYS B 34 10.88 -12.93 1.39
C LYS B 34 12.03 -12.69 2.36
N GLY B 35 11.74 -11.98 3.43
CA GLY B 35 12.75 -11.52 4.35
C GLY B 35 12.85 -10.00 4.33
N ALA B 36 13.35 -9.46 5.44
CA ALA B 36 13.47 -8.01 5.58
C ALA B 36 14.48 -7.44 4.60
N CYS B 37 14.26 -6.16 4.23
CA CYS B 37 15.10 -5.48 3.24
C CYS B 37 16.57 -5.34 3.63
N PRO B 38 16.97 -5.37 4.91
CA PRO B 38 18.42 -5.41 5.21
C PRO B 38 19.12 -6.65 4.72
N VAL B 39 18.40 -7.66 4.22
CA VAL B 39 18.98 -8.92 3.80
C VAL B 39 19.21 -8.87 2.30
N PHE B 40 20.47 -9.04 1.88
CA PHE B 40 20.89 -9.02 0.47
C PHE B 40 20.34 -7.75 -0.18
N GLU B 41 19.62 -7.85 -1.30
CA GLU B 41 18.91 -6.75 -1.96
C GLU B 41 17.49 -6.60 -1.48
N CYS B 42 16.71 -7.69 -1.52
CA CYS B 42 15.34 -7.64 -1.04
C CYS B 42 14.95 -8.98 -0.43
N GLY B 43 15.91 -9.65 0.23
CA GLY B 43 15.65 -10.96 0.82
C GLY B 43 15.84 -12.08 -0.16
N ASN B 44 15.07 -13.15 -0.02
CA ASN B 44 15.13 -14.30 -0.93
C ASN B 44 14.19 -13.99 -2.10
N VAL B 45 14.77 -13.67 -3.26
CA VAL B 45 14.01 -13.01 -4.34
C VAL B 45 12.88 -13.90 -4.81
N VAL B 46 11.70 -13.31 -4.98
CA VAL B 46 10.56 -14.00 -5.59
C VAL B 46 10.10 -13.35 -6.89
N LEU B 47 10.42 -12.08 -7.16
CA LEU B 47 9.95 -11.40 -8.37
C LEU B 47 10.80 -10.16 -8.61
N ARG B 48 11.13 -9.91 -9.88
CA ARG B 48 11.92 -8.73 -10.23
C ARG B 48 11.39 -8.11 -11.51
N THR B 49 11.47 -6.79 -11.58
CA THR B 49 11.23 -6.05 -12.80
C THR B 49 12.48 -5.25 -13.13
N ASP B 50 12.60 -4.86 -14.40
CA ASP B 50 13.60 -3.86 -14.77
C ASP B 50 12.92 -2.64 -15.38
N GLU B 51 13.69 -1.78 -16.07
CA GLU B 51 13.12 -0.59 -16.68
C GLU B 51 12.05 -0.90 -17.73
N ARG B 52 11.98 -2.14 -18.20
CA ARG B 52 11.11 -2.45 -19.33
C ARG B 52 9.96 -3.40 -18.96
N ASP B 53 10.21 -4.42 -18.16
CA ASP B 53 9.19 -5.43 -17.92
C ASP B 53 9.58 -6.24 -16.70
N VAL B 54 8.66 -7.13 -16.29
CA VAL B 54 8.97 -8.20 -15.36
C VAL B 54 10.03 -9.09 -15.99
N ASN B 55 11.15 -9.28 -15.29
CA ASN B 55 12.20 -10.14 -15.82
C ASN B 55 12.42 -11.41 -15.00
N TYR B 56 11.69 -11.59 -13.90
CA TYR B 56 11.87 -12.76 -13.06
C TYR B 56 10.63 -12.96 -12.21
N TRP B 57 10.15 -14.19 -12.12
CA TRP B 57 9.07 -14.46 -11.19
C TRP B 57 9.18 -15.89 -10.71
N THR B 58 8.54 -16.16 -9.58
CA THR B 58 8.39 -17.50 -9.01
C THR B 58 6.92 -17.87 -9.04
N SER B 59 6.64 -19.15 -9.24
CA SER B 59 5.25 -19.59 -9.29
CA SER B 59 5.26 -19.60 -9.28
C SER B 59 4.51 -19.13 -8.04
N ARG B 60 3.30 -18.61 -8.26
CA ARG B 60 2.30 -18.12 -7.28
C ARG B 60 2.50 -16.64 -6.93
N TYR B 61 3.58 -16.01 -7.35
CA TYR B 61 3.81 -14.60 -7.08
C TYR B 61 3.53 -13.78 -8.33
N TRP B 62 2.81 -12.66 -8.17
CA TRP B 62 2.29 -11.90 -9.30
C TRP B 62 2.36 -10.40 -9.02
N LEU B 63 2.60 -9.64 -10.08
CA LEU B 63 2.32 -8.20 -10.12
C LEU B 63 1.11 -8.04 -11.03
N ASN B 64 -0.09 -7.95 -10.46
CA ASN B 64 -1.30 -7.89 -11.27
C ASN B 64 -1.84 -6.47 -11.40
N GLY B 65 -1.22 -5.52 -10.71
CA GLY B 65 -1.57 -4.12 -10.85
C GLY B 65 -0.82 -3.44 -11.98
N ASP B 66 -1.05 -2.12 -12.10
CA ASP B 66 -0.50 -1.33 -13.20
C ASP B 66 0.94 -0.95 -12.85
N PHE B 67 1.85 -1.93 -12.96
CA PHE B 67 3.23 -1.65 -12.57
C PHE B 67 3.90 -0.64 -13.48
N ARG B 68 3.40 -0.45 -14.71
CA ARG B 68 3.96 0.60 -15.56
C ARG B 68 3.53 1.99 -15.11
N LYS B 69 2.66 2.09 -14.11
CA LYS B 69 2.36 3.36 -13.46
C LYS B 69 2.85 3.40 -12.02
N GLY B 70 3.66 2.42 -11.62
CA GLY B 70 4.22 2.42 -10.29
C GLY B 70 3.49 1.59 -9.25
N ASP B 71 2.43 0.86 -9.61
CA ASP B 71 1.78 -0.03 -8.66
C ASP B 71 2.47 -1.39 -8.76
N VAL B 72 3.44 -1.61 -7.89
CA VAL B 72 4.17 -2.88 -7.90
C VAL B 72 3.72 -3.74 -6.72
N SER B 73 2.43 -3.66 -6.40
CA SER B 73 1.88 -4.47 -5.31
C SER B 73 1.91 -5.94 -5.70
N LEU B 74 2.14 -6.79 -4.69
CA LEU B 74 2.35 -8.21 -4.90
C LEU B 74 1.08 -8.98 -4.58
N THR B 75 0.78 -9.99 -5.39
CA THR B 75 -0.23 -10.99 -5.10
C THR B 75 0.47 -12.33 -4.90
N ILE B 76 0.14 -13.04 -3.83
CA ILE B 76 0.61 -14.40 -3.59
C ILE B 76 -0.59 -15.32 -3.65
N GLU B 77 -0.56 -16.26 -4.58
CA GLU B 77 -1.68 -17.17 -4.82
C GLU B 77 -1.70 -18.28 -3.78
N ASN B 78 -2.89 -18.61 -3.29
CA ASN B 78 -3.12 -19.87 -2.58
C ASN B 78 -2.12 -20.07 -1.44
N VAL B 79 -2.16 -19.15 -0.47
CA VAL B 79 -1.10 -19.10 0.54
C VAL B 79 -1.21 -20.28 1.50
N THR B 80 -0.08 -20.63 2.09
CA THR B 80 -0.03 -21.56 3.21
C THR B 80 0.65 -20.86 4.38
N LEU B 81 0.68 -21.54 5.53
CA LEU B 81 1.34 -20.93 6.70
C LEU B 81 2.81 -20.67 6.44
N ALA B 82 3.45 -21.43 5.55
CA ALA B 82 4.83 -21.17 5.20
C ALA B 82 5.03 -19.82 4.53
N ASP B 83 3.96 -19.21 4.01
CA ASP B 83 4.11 -17.90 3.36
C ASP B 83 4.10 -16.72 4.34
N SER B 84 3.84 -16.95 5.63
CA SER B 84 3.88 -15.88 6.62
CA SER B 84 3.87 -15.86 6.59
C SER B 84 5.29 -15.33 6.75
N GLY B 85 5.38 -14.07 7.18
CA GLY B 85 6.66 -13.45 7.44
C GLY B 85 6.79 -12.08 6.81
N ILE B 86 7.98 -11.50 6.97
CA ILE B 86 8.28 -10.19 6.39
C ILE B 86 8.68 -10.36 4.93
N TYR B 87 8.17 -9.48 4.05
CA TYR B 87 8.57 -9.40 2.66
C TYR B 87 9.17 -8.03 2.39
N CYS B 88 10.15 -7.99 1.49
CA CYS B 88 10.79 -6.74 1.08
C CYS B 88 10.35 -6.38 -0.33
N CYS B 89 9.84 -5.16 -0.49
CA CYS B 89 9.67 -4.53 -1.79
C CYS B 89 10.67 -3.39 -1.88
N ARG B 90 11.60 -3.50 -2.84
CA ARG B 90 12.68 -2.53 -2.99
C ARG B 90 12.56 -1.83 -4.32
N ILE B 91 12.44 -0.51 -4.28
CA ILE B 91 12.42 0.35 -5.46
C ILE B 91 13.86 0.74 -5.74
N GLN B 92 14.45 0.22 -6.81
CA GLN B 92 15.88 0.34 -7.04
C GLN B 92 16.15 1.58 -7.90
N ILE B 93 15.98 2.73 -7.25
CA ILE B 93 16.21 4.04 -7.89
C ILE B 93 17.70 4.18 -8.23
N PRO B 94 18.06 4.49 -9.47
CA PRO B 94 19.49 4.60 -9.80
C PRO B 94 20.19 5.61 -8.90
N GLY B 95 21.42 5.27 -8.52
CA GLY B 95 22.16 6.04 -7.54
C GLY B 95 22.39 5.22 -6.28
N ILE B 96 23.13 5.83 -5.35
CA ILE B 96 23.59 5.16 -4.13
C ILE B 96 22.81 5.68 -2.93
N MET B 97 22.51 4.77 -2.00
CA MET B 97 21.78 5.07 -0.76
C MET B 97 20.55 5.93 -1.01
N ASN B 98 19.75 5.51 -1.98
CA ASN B 98 18.52 6.23 -2.30
C ASN B 98 17.39 5.29 -2.70
N ASP B 99 17.53 3.98 -2.52
CA ASP B 99 16.40 3.11 -2.79
C ASP B 99 15.29 3.35 -1.79
N GLU B 100 14.06 3.11 -2.22
CA GLU B 100 12.93 3.04 -1.30
C GLU B 100 12.73 1.59 -0.90
N LYS B 101 12.68 1.34 0.40
CA LYS B 101 12.59 -0.01 0.93
C LYS B 101 11.31 -0.09 1.74
N PHE B 102 10.49 -1.08 1.45
CA PHE B 102 9.25 -1.30 2.17
C PHE B 102 9.26 -2.72 2.71
N ASN B 103 8.98 -2.88 4.00
CA ASN B 103 8.88 -4.17 4.66
C ASN B 103 7.42 -4.44 4.99
N LEU B 104 6.87 -5.51 4.42
CA LEU B 104 5.48 -5.87 4.55
C LEU B 104 5.35 -7.16 5.34
N LYS B 105 4.55 -7.13 6.39
CA LYS B 105 4.35 -8.28 7.29
C LYS B 105 3.08 -9.01 6.88
N LEU B 106 3.22 -10.26 6.45
CA LEU B 106 2.09 -11.09 6.05
C LEU B 106 1.79 -12.08 7.17
N VAL B 107 0.56 -12.05 7.69
CA VAL B 107 0.12 -12.93 8.76
C VAL B 107 -0.94 -13.87 8.19
N ILE B 108 -0.69 -15.16 8.27
CA ILE B 108 -1.58 -16.18 7.73
C ILE B 108 -2.09 -17.02 8.88
N LYS B 109 -3.38 -17.38 8.84
CA LYS B 109 -3.95 -18.21 9.90
C LYS B 109 -4.84 -19.32 9.34
N1 YQG C . -7.44 9.87 15.48
N3 YQG C . -8.11 10.68 18.88
C4 YQG C . -5.76 10.75 14.05
C5 YQG C . -6.36 10.74 15.28
C6 YQG C . -5.84 11.59 16.29
C7 YQG C . -8.04 9.85 16.70
C8 YQG C . -6.51 11.52 17.55
C10 YQG C . -7.59 12.01 21.03
C13 YQG C . -0.57 13.22 13.86
C15 YQG C . -1.85 15.34 13.80
C17 YQG C . -1.49 11.03 14.47
C20 YQG C . 1.15 18.83 16.11
C1 YQG C . -4.74 12.43 16.08
C11 YQG C . -2.95 13.26 14.43
C12 YQG C . -1.61 12.53 14.24
C14 YQG C . -0.70 14.72 13.64
C16 YQG C . -3.07 14.55 14.23
C18 YQG C . 1.74 16.83 15.20
C19 YQG C . 1.73 18.13 17.07
C2 YQG C . -4.15 12.41 14.82
C3 YQG C . -4.68 11.56 13.84
C9 YQG C . -7.36 11.59 19.58
N2 YQG C . -7.56 10.69 17.72
N4 YQG C . -6.33 12.17 18.73
N5 YQG C . 0.42 15.49 13.17
N6 YQG C . 2.13 16.74 16.45
N7 YQG C . 1.18 18.05 15.03
O1 YQG C . -9.11 9.01 16.91
O2 YQG C . 2.92 16.11 13.00
O3 YQG C . 2.40 14.32 14.48
S1 YQG C . 1.91 15.57 13.94
CL1 YQG C . -4.00 11.50 12.22
CA CA D . -5.93 18.12 -8.89
N1 YQG E . 3.72 -15.46 -11.81
N3 YQG E . 3.07 -18.31 -13.89
C4 YQG E . 4.08 -13.23 -12.43
C5 YQG E . 3.83 -14.50 -12.81
C6 YQG E . 3.69 -14.80 -14.20
C7 YQG E . 3.45 -16.75 -12.18
C8 YQG E . 3.42 -16.17 -14.51
C10 YQG E . 2.74 -19.36 -16.21
C13 YQG E . 3.11 -9.30 -16.50
C15 YQG E . 5.27 -10.04 -17.43
C17 YQG E . 1.81 -10.47 -14.80
C20 YQG E . 4.87 -9.29 -22.50
C1 YQG E . 3.79 -13.84 -15.19
C11 YQG E . 4.16 -11.37 -15.73
C12 YQG E . 3.03 -10.35 -15.72
C14 YQG E . 4.29 -9.16 -17.42
C16 YQG E . 5.20 -11.25 -16.53
C18 YQG E . 3.62 -8.38 -20.83
C19 YQG E . 3.62 -9.65 -22.72
C2 YQG E . 4.04 -12.54 -14.78
C3 YQG E . 4.18 -12.28 -13.41
C9 YQG E . 2.99 -18.20 -15.25
N2 YQG E . 3.33 -17.10 -13.53
N4 YQG E . 3.24 -16.83 -15.67
N5 YQG E . 4.43 -7.99 -18.24
N6 YQG E . 2.77 -9.02 -21.57
N7 YQG E . 4.86 -8.54 -21.39
O1 YQG E . 3.33 -17.70 -11.20
O2 YQG E . 3.60 -6.00 -19.61
O3 YQG E . 1.90 -7.54 -18.93
S1 YQG E . 3.29 -7.42 -19.35
CL1 YQG E . 4.52 -10.66 -12.83
CA CA F . 19.71 3.25 -5.58
#